data_8XZ7
#
_entry.id   8XZ7
#
_cell.length_a   210.340
_cell.length_b   49.630
_cell.length_c   66.740
_cell.angle_alpha   90.00
_cell.angle_beta   106.94
_cell.angle_gamma   90.00
#
_symmetry.space_group_name_H-M   'C 1 2 1'
#
loop_
_entity.id
_entity.type
_entity.pdbx_description
1 polymer 'Fibroblast growth factor receptor 1'
2 non-polymer 'SULFATE ION'
3 non-polymer 5-azanyl-3-[2-[4,6-bis(fluoranyl)-2-methyl-3~{H}-benzimidazol-5-yl]ethynyl]-1-[[3-(prop-2-enoylamino)phenyl]methyl]pyrazole-4-carboxamide
4 water water
#
_entity_poly.entity_id   1
_entity_poly.type   'polypeptide(L)'
_entity_poly.pdbx_seq_one_letter_code
;GPAGVSEYELPEDPRWELPRDRLVLGKPLGEGCFGQVVLAEAIGLDKDKPNRVTKVAVKMLKSDATEKDLSDLISEMEMM
KMIGKHKNIINLLGACTQDGPLYVIVEYASKGNLREYLQARRPPGLEYSYNPSHNPEEQLSSKDLVSCAYQVARGMEYLA
SKKCIHRDLAARNVLVTEDNVMKIADFGLARDIHHIDYYKKTTNGRLPVKWMAPEALFDRIYTHQSDVWSFGVLLWEIFT
LGGSPYPGVPVEELFKLLKEGHRMDKPSNCTNELYMMMRDCWHAVPSQRPTFKQLVEDLDRIVALTSNQE
;
_entity_poly.pdbx_strand_id   B,A
#
# COMPACT_ATOMS: atom_id res chain seq x y z
N SER A 6 -33.66 -31.40 7.99
CA SER A 6 -34.29 -32.29 8.96
C SER A 6 -34.55 -33.66 8.30
N GLU A 7 -34.78 -33.68 6.99
CA GLU A 7 -35.01 -34.95 6.31
C GLU A 7 -33.75 -35.79 6.23
N TYR A 8 -32.59 -35.15 6.18
CA TYR A 8 -31.32 -35.82 5.99
C TYR A 8 -30.56 -35.93 7.31
N GLU A 9 -29.55 -36.81 7.34
CA GLU A 9 -28.71 -36.96 8.53
C GLU A 9 -27.49 -36.05 8.38
N LEU A 10 -27.60 -34.82 8.87
CA LEU A 10 -26.49 -33.87 8.78
C LEU A 10 -25.48 -34.19 9.90
N PRO A 11 -24.18 -34.24 9.59
CA PRO A 11 -23.20 -34.70 10.58
C PRO A 11 -22.86 -33.60 11.59
N GLU A 12 -23.12 -33.88 12.86
CA GLU A 12 -22.76 -32.97 13.94
C GLU A 12 -21.38 -33.33 14.47
N ASP A 13 -20.45 -32.39 14.36
CA ASP A 13 -19.11 -32.57 14.89
C ASP A 13 -18.92 -31.61 16.04
N PRO A 14 -18.89 -32.10 17.29
CA PRO A 14 -18.90 -31.20 18.44
C PRO A 14 -17.76 -30.20 18.45
N ARG A 15 -16.65 -30.53 17.83
CA ARG A 15 -15.52 -29.61 17.82
C ARG A 15 -15.80 -28.40 16.95
N TRP A 16 -16.63 -28.56 15.91
CA TRP A 16 -16.90 -27.47 14.97
C TRP A 16 -18.29 -26.83 15.10
N GLU A 17 -19.24 -27.50 15.73
CA GLU A 17 -20.63 -27.03 15.73
C GLU A 17 -20.78 -25.75 16.54
N LEU A 18 -21.42 -24.76 15.93
CA LEU A 18 -21.74 -23.49 16.59
C LEU A 18 -23.24 -23.36 16.77
N PRO A 19 -23.75 -23.08 17.98
CA PRO A 19 -25.19 -22.89 18.13
C PRO A 19 -25.68 -21.78 17.22
N ARG A 20 -26.84 -21.99 16.66
CA ARG A 20 -27.46 -21.06 15.79
C ARG A 20 -27.57 -19.67 16.40
N ASP A 21 -27.82 -19.61 17.68
CA ASP A 21 -28.05 -18.35 18.36
C ASP A 21 -26.80 -17.51 18.47
N ARG A 22 -25.64 -18.08 18.20
CA ARG A 22 -24.37 -17.36 18.28
C ARG A 22 -23.96 -16.75 16.94
N LEU A 23 -24.83 -16.85 15.94
CA LEU A 23 -24.55 -16.33 14.61
C LEU A 23 -25.55 -15.22 14.32
N VAL A 24 -25.05 -13.99 14.20
CA VAL A 24 -25.87 -12.85 13.85
C VAL A 24 -25.64 -12.58 12.36
N LEU A 25 -26.60 -12.95 11.52
CA LEU A 25 -26.41 -12.88 10.08
C LEU A 25 -26.55 -11.45 9.59
N GLY A 26 -25.69 -11.07 8.64
CA GLY A 26 -25.73 -9.76 8.02
C GLY A 26 -26.04 -9.78 6.54
N LYS A 27 -25.37 -8.89 5.77
CA LYS A 27 -25.69 -8.68 4.36
C LYS A 27 -25.13 -9.82 3.50
N PRO A 28 -25.78 -10.12 2.38
CA PRO A 28 -25.17 -11.04 1.41
C PRO A 28 -23.85 -10.49 0.92
N LEU A 29 -22.90 -11.38 0.69
CA LEU A 29 -21.55 -11.00 0.27
C LEU A 29 -21.41 -11.27 -1.21
N GLY A 30 -21.11 -10.23 -1.98
CA GLY A 30 -20.85 -10.40 -3.38
C GLY A 30 -22.08 -10.80 -4.19
N GLU A 31 -21.79 -11.24 -5.42
CA GLU A 31 -22.81 -11.62 -6.40
C GLU A 31 -22.92 -13.13 -6.55
N GLY A 32 -22.48 -13.90 -5.55
CA GLY A 32 -22.74 -15.33 -5.50
C GLY A 32 -21.78 -16.23 -6.25
N CYS A 33 -20.53 -15.82 -6.46
CA CYS A 33 -19.57 -16.67 -7.16
C CYS A 33 -19.26 -17.93 -6.37
N PHE A 34 -19.22 -17.83 -5.04
CA PHE A 34 -18.84 -18.95 -4.18
C PHE A 34 -20.04 -19.60 -3.50
N GLY A 35 -21.24 -19.34 -3.99
CA GLY A 35 -22.46 -19.83 -3.39
C GLY A 35 -23.24 -18.68 -2.77
N GLN A 36 -24.28 -19.04 -2.02
CA GLN A 36 -24.99 -18.05 -1.23
C GLN A 36 -24.16 -17.80 0.03
N VAL A 37 -23.40 -16.72 0.03
CA VAL A 37 -22.52 -16.39 1.15
C VAL A 37 -23.02 -15.08 1.76
N VAL A 38 -23.16 -15.07 3.09
CA VAL A 38 -23.52 -13.84 3.80
C VAL A 38 -22.45 -13.52 4.83
N LEU A 39 -22.29 -12.24 5.11
CA LEU A 39 -21.45 -11.81 6.21
C LEU A 39 -22.20 -12.01 7.51
N ALA A 40 -21.46 -12.34 8.57
CA ALA A 40 -22.08 -12.54 9.86
C ALA A 40 -21.11 -12.21 10.98
N GLU A 41 -21.64 -12.15 12.19
CA GLU A 41 -20.82 -12.01 13.37
C GLU A 41 -21.05 -13.25 14.20
N ALA A 42 -19.97 -13.92 14.57
CA ALA A 42 -20.08 -15.09 15.42
C ALA A 42 -19.66 -14.72 16.83
N ILE A 43 -20.48 -15.09 17.81
CA ILE A 43 -20.17 -14.80 19.21
C ILE A 43 -19.51 -16.03 19.79
N GLY A 44 -18.34 -15.85 20.38
CA GLY A 44 -17.68 -16.96 21.04
C GLY A 44 -17.33 -18.11 20.13
N LEU A 45 -16.97 -17.83 18.88
CA LEU A 45 -16.29 -18.82 18.06
C LEU A 45 -15.16 -19.43 18.84
N ASP A 46 -14.33 -18.56 19.42
CA ASP A 46 -13.21 -18.98 20.24
C ASP A 46 -13.73 -19.29 21.65
N LYS A 47 -13.58 -20.55 22.09
CA LYS A 47 -14.17 -20.99 23.35
C LYS A 47 -13.53 -20.35 24.58
N ASP A 48 -12.30 -19.84 24.46
CA ASP A 48 -11.66 -19.11 25.55
C ASP A 48 -12.12 -17.65 25.63
N LYS A 49 -12.69 -17.12 24.55
CA LYS A 49 -13.18 -15.74 24.51
C LYS A 49 -14.66 -15.76 24.14
N PRO A 50 -15.53 -16.21 25.04
CA PRO A 50 -16.93 -16.47 24.69
C PRO A 50 -17.77 -15.22 24.53
N ASN A 51 -17.28 -14.05 24.95
CA ASN A 51 -18.00 -12.79 24.82
C ASN A 51 -17.47 -11.89 23.73
N ARG A 52 -16.60 -12.38 22.84
CA ARG A 52 -16.08 -11.56 21.77
C ARG A 52 -16.74 -11.99 20.47
N VAL A 53 -16.92 -11.02 19.56
CA VAL A 53 -17.56 -11.26 18.27
C VAL A 53 -16.50 -11.24 17.19
N THR A 54 -16.66 -12.12 16.21
CA THR A 54 -15.75 -12.26 15.06
C THR A 54 -16.56 -12.11 13.79
N LYS A 55 -16.07 -11.28 12.84
CA LYS A 55 -16.70 -11.26 11.52
C LYS A 55 -16.31 -12.51 10.74
N VAL A 56 -17.31 -13.17 10.14
CA VAL A 56 -17.13 -14.44 9.44
C VAL A 56 -17.99 -14.44 8.18
N ALA A 57 -17.66 -15.33 7.26
CA ALA A 57 -18.50 -15.55 6.08
C ALA A 57 -19.24 -16.86 6.26
N VAL A 58 -20.51 -16.88 5.87
CA VAL A 58 -21.41 -18.03 6.10
C VAL A 58 -21.95 -18.50 4.75
N LYS A 59 -21.63 -19.73 4.39
CA LYS A 59 -22.11 -20.32 3.15
C LYS A 59 -23.34 -21.18 3.43
N MET A 60 -24.35 -21.04 2.59
CA MET A 60 -25.57 -21.81 2.75
C MET A 60 -26.07 -22.24 1.37
N LEU A 61 -27.13 -23.04 1.34
CA LEU A 61 -27.69 -23.48 0.07
C LEU A 61 -28.83 -22.56 -0.35
N LYS A 62 -29.05 -22.50 -1.66
CA LYS A 62 -30.15 -21.73 -2.23
C LYS A 62 -31.49 -22.40 -1.93
N SER A 63 -32.57 -21.70 -2.30
CA SER A 63 -33.90 -22.27 -2.10
C SER A 63 -34.17 -23.45 -3.04
N ASP A 64 -33.56 -23.44 -4.22
CA ASP A 64 -33.77 -24.49 -5.21
C ASP A 64 -32.83 -25.68 -5.03
N ALA A 65 -32.14 -25.78 -3.90
CA ALA A 65 -31.04 -26.73 -3.75
C ALA A 65 -31.53 -28.18 -3.79
N THR A 66 -30.83 -29.01 -4.56
CA THR A 66 -31.12 -30.43 -4.65
C THR A 66 -30.36 -31.19 -3.56
N GLU A 67 -30.70 -32.47 -3.41
CA GLU A 67 -29.92 -33.34 -2.54
C GLU A 67 -28.46 -33.43 -2.99
N LYS A 68 -28.19 -33.18 -4.27
CA LYS A 68 -26.81 -33.17 -4.75
C LYS A 68 -26.05 -31.93 -4.24
N ASP A 69 -26.71 -30.76 -4.26
CA ASP A 69 -26.09 -29.55 -3.72
C ASP A 69 -25.77 -29.71 -2.24
N LEU A 70 -26.64 -30.40 -1.50
CA LEU A 70 -26.42 -30.59 -0.07
C LEU A 70 -25.22 -31.50 0.19
N SER A 71 -25.18 -32.67 -0.46
CA SER A 71 -24.06 -33.58 -0.29
C SER A 71 -22.74 -32.91 -0.67
N ASP A 72 -22.76 -32.06 -1.70
CA ASP A 72 -21.56 -31.32 -2.09
C ASP A 72 -21.10 -30.39 -0.97
N LEU A 73 -22.03 -29.65 -0.36
CA LEU A 73 -21.64 -28.72 0.69
C LEU A 73 -21.12 -29.45 1.91
N ILE A 74 -21.75 -30.56 2.30
CA ILE A 74 -21.21 -31.38 3.37
C ILE A 74 -19.81 -31.85 3.02
N SER A 75 -19.63 -32.33 1.78
CA SER A 75 -18.33 -32.87 1.39
C SER A 75 -17.25 -31.79 1.39
N GLU A 76 -17.61 -30.60 0.94
CA GLU A 76 -16.70 -29.46 1.00
C GLU A 76 -16.31 -29.16 2.44
N MET A 77 -17.30 -29.13 3.34
CA MET A 77 -17.00 -28.95 4.76
C MET A 77 -16.06 -30.04 5.27
N GLU A 78 -16.36 -31.29 4.95
CA GLU A 78 -15.52 -32.36 5.50
C GLU A 78 -14.13 -32.33 4.89
N MET A 79 -14.02 -31.92 3.62
CA MET A 79 -12.72 -31.83 2.98
C MET A 79 -11.87 -30.73 3.63
N MET A 80 -12.49 -29.61 4.00
CA MET A 80 -11.71 -28.57 4.66
C MET A 80 -11.15 -29.06 5.98
N LYS A 81 -11.91 -29.90 6.72
CA LYS A 81 -11.36 -30.46 7.95
C LYS A 81 -10.15 -31.35 7.67
N MET A 82 -10.23 -32.17 6.65
CA MET A 82 -9.09 -33.05 6.38
C MET A 82 -7.87 -32.27 5.89
N ILE A 83 -8.09 -31.19 5.15
CA ILE A 83 -6.95 -30.45 4.62
C ILE A 83 -6.24 -29.68 5.72
N GLY A 84 -6.98 -29.20 6.72
CA GLY A 84 -6.36 -28.53 7.83
C GLY A 84 -6.14 -27.06 7.54
N LYS A 85 -5.60 -26.38 8.53
CA LYS A 85 -5.49 -24.91 8.53
C LYS A 85 -4.17 -24.44 7.93
N HIS A 86 -4.25 -23.34 7.17
CA HIS A 86 -3.05 -22.67 6.70
C HIS A 86 -3.39 -21.20 6.54
N LYS A 87 -2.39 -20.35 6.82
CA LYS A 87 -2.60 -18.90 6.76
C LYS A 87 -3.05 -18.44 5.39
N ASN A 88 -2.65 -19.14 4.31
CA ASN A 88 -2.90 -18.64 2.97
C ASN A 88 -3.98 -19.43 2.24
N ILE A 89 -4.91 -20.04 2.99
CA ILE A 89 -6.13 -20.57 2.39
C ILE A 89 -7.30 -20.07 3.22
N ILE A 90 -8.49 -20.09 2.63
CA ILE A 90 -9.70 -19.74 3.38
C ILE A 90 -9.98 -20.89 4.34
N ASN A 91 -10.01 -20.59 5.63
CA ASN A 91 -10.12 -21.69 6.60
C ASN A 91 -11.53 -21.90 7.12
N LEU A 92 -11.84 -23.15 7.46
CA LEU A 92 -13.10 -23.46 8.13
C LEU A 92 -13.03 -22.99 9.57
N LEU A 93 -14.12 -22.37 10.02
CA LEU A 93 -14.23 -21.91 11.39
C LEU A 93 -15.33 -22.60 12.18
N GLY A 94 -16.34 -23.15 11.53
CA GLY A 94 -17.40 -23.82 12.26
C GLY A 94 -18.54 -24.16 11.32
N ALA A 95 -19.59 -24.72 11.91
CA ALA A 95 -20.76 -25.04 11.10
C ALA A 95 -21.99 -25.06 11.98
N CYS A 96 -23.15 -24.86 11.37
CA CYS A 96 -24.43 -25.05 12.03
C CYS A 96 -25.18 -26.14 11.27
N THR A 97 -25.35 -27.29 11.90
CA THR A 97 -26.00 -28.43 11.27
C THR A 97 -27.29 -28.85 11.96
N GLN A 98 -27.62 -28.23 13.09
CA GLN A 98 -28.81 -28.57 13.85
C GLN A 98 -29.70 -27.34 13.96
N ASP A 99 -31.01 -27.59 14.04
CA ASP A 99 -32.01 -26.56 14.30
C ASP A 99 -32.04 -25.50 13.19
N GLY A 100 -31.91 -25.93 11.95
CA GLY A 100 -32.03 -25.05 10.81
C GLY A 100 -31.24 -25.55 9.63
N PRO A 101 -31.20 -24.75 8.55
CA PRO A 101 -30.47 -25.18 7.35
C PRO A 101 -28.97 -25.23 7.60
N LEU A 102 -28.29 -26.01 6.78
CA LEU A 102 -26.85 -26.14 6.90
C LEU A 102 -26.15 -24.80 6.65
N TYR A 103 -25.35 -24.37 7.62
CA TYR A 103 -24.45 -23.23 7.49
C TYR A 103 -23.03 -23.73 7.61
N VAL A 104 -22.15 -23.27 6.71
CA VAL A 104 -20.72 -23.55 6.79
C VAL A 104 -20.00 -22.22 6.95
N ILE A 105 -19.22 -22.09 8.02
CA ILE A 105 -18.68 -20.80 8.45
C ILE A 105 -17.19 -20.78 8.16
N VAL A 106 -16.74 -19.78 7.40
CA VAL A 106 -15.36 -19.70 6.97
C VAL A 106 -14.83 -18.30 7.22
N GLU A 107 -13.51 -18.17 7.08
CA GLU A 107 -12.87 -16.87 7.32
C GLU A 107 -13.39 -15.81 6.34
N TYR A 108 -13.51 -14.58 6.84
CA TYR A 108 -14.05 -13.47 6.07
C TYR A 108 -12.90 -12.65 5.49
N ALA A 109 -12.98 -12.40 4.17
CA ALA A 109 -11.99 -11.62 3.43
C ALA A 109 -12.65 -10.33 2.95
N SER A 110 -12.29 -9.22 3.58
CA SER A 110 -13.06 -8.01 3.37
C SER A 110 -12.62 -7.20 2.16
N LYS A 111 -11.53 -7.58 1.49
CA LYS A 111 -11.02 -6.75 0.38
C LYS A 111 -11.23 -7.40 -0.98
N GLY A 112 -12.11 -8.38 -1.08
CA GLY A 112 -12.52 -8.87 -2.38
C GLY A 112 -11.60 -9.95 -2.90
N ASN A 113 -11.83 -10.32 -4.15
CA ASN A 113 -10.88 -11.25 -4.74
C ASN A 113 -9.66 -10.49 -5.25
N LEU A 114 -8.61 -11.24 -5.60
CA LEU A 114 -7.33 -10.63 -5.92
C LEU A 114 -7.41 -9.79 -7.19
N ARG A 115 -8.18 -10.24 -8.19
CA ARG A 115 -8.34 -9.45 -9.41
C ARG A 115 -8.92 -8.07 -9.09
N GLU A 116 -9.99 -8.02 -8.31
CA GLU A 116 -10.60 -6.75 -7.92
C GLU A 116 -9.67 -5.91 -7.05
N TYR A 117 -9.03 -6.55 -6.07
CA TYR A 117 -8.03 -5.90 -5.23
C TYR A 117 -6.96 -5.20 -6.05
N LEU A 118 -6.44 -5.89 -7.06
CA LEU A 118 -5.36 -5.31 -7.86
C LEU A 118 -5.89 -4.21 -8.77
N GLN A 119 -7.04 -4.43 -9.41
CA GLN A 119 -7.56 -3.43 -10.35
C GLN A 119 -7.83 -2.12 -9.64
N ALA A 120 -8.31 -2.16 -8.39
CA ALA A 120 -8.61 -0.93 -7.67
C ALA A 120 -7.36 -0.20 -7.22
N ARG A 121 -6.20 -0.83 -7.31
CA ARG A 121 -4.92 -0.24 -6.93
C ARG A 121 -4.06 0.11 -8.13
N ARG A 122 -4.64 0.11 -9.32
CA ARG A 122 -3.92 0.54 -10.49
C ARG A 122 -3.66 2.05 -10.41
N PRO A 123 -2.47 2.51 -10.81
CA PRO A 123 -2.25 3.93 -10.92
C PRO A 123 -3.09 4.48 -12.05
N PRO A 124 -3.68 5.66 -11.86
CA PRO A 124 -4.36 6.32 -12.98
C PRO A 124 -3.40 6.76 -14.09
N GLY A 125 -2.75 5.81 -14.75
CA GLY A 125 -1.83 6.14 -15.83
C GLY A 125 -1.46 4.99 -16.75
N TYR A 128 -0.65 0.19 -17.19
CA TYR A 128 -1.79 -0.69 -16.94
C TYR A 128 -3.07 -0.18 -17.60
N SER A 129 -4.07 -1.04 -17.69
CA SER A 129 -5.38 -0.60 -18.11
C SER A 129 -5.94 0.36 -17.07
N TYR A 130 -7.10 0.93 -17.34
CA TYR A 130 -7.59 1.93 -16.43
C TYR A 130 -8.04 1.29 -15.11
N ASN A 131 -8.05 2.12 -14.07
CA ASN A 131 -8.54 1.77 -12.74
C ASN A 131 -10.05 1.94 -12.72
N PRO A 132 -10.80 0.84 -12.63
CA PRO A 132 -12.26 0.89 -12.71
C PRO A 132 -12.96 1.23 -11.42
N SER A 133 -12.21 1.43 -10.34
CA SER A 133 -12.82 1.68 -9.05
C SER A 133 -13.17 3.15 -8.94
N HIS A 134 -14.35 3.42 -8.37
CA HIS A 134 -14.72 4.79 -8.07
C HIS A 134 -14.08 5.31 -6.79
N ASN A 135 -13.61 4.42 -5.92
CA ASN A 135 -12.80 4.77 -4.76
C ASN A 135 -11.49 4.00 -4.85
N PRO A 136 -10.52 4.50 -5.61
CA PRO A 136 -9.25 3.79 -5.76
C PRO A 136 -8.54 3.66 -4.43
N GLU A 137 -7.71 2.63 -4.32
CA GLU A 137 -6.91 2.44 -3.13
C GLU A 137 -5.44 2.68 -3.47
N GLU A 138 -4.60 2.72 -2.44
CA GLU A 138 -3.21 3.13 -2.65
C GLU A 138 -2.44 2.07 -3.44
N GLN A 139 -1.51 2.55 -4.26
CA GLN A 139 -0.77 1.70 -5.18
C GLN A 139 0.12 0.73 -4.44
N LEU A 140 0.33 -0.45 -5.04
CA LEU A 140 1.18 -1.49 -4.48
C LEU A 140 2.62 -1.32 -4.93
N SER A 141 3.56 -1.59 -4.03
CA SER A 141 4.96 -1.58 -4.43
C SER A 141 5.28 -2.86 -5.21
N SER A 142 6.45 -2.86 -5.87
CA SER A 142 6.92 -4.08 -6.51
C SER A 142 7.05 -5.21 -5.50
N LYS A 143 7.53 -4.89 -4.30
CA LYS A 143 7.66 -5.94 -3.29
C LYS A 143 6.28 -6.48 -2.89
N ASP A 144 5.29 -5.59 -2.77
CA ASP A 144 3.94 -6.03 -2.45
C ASP A 144 3.43 -7.04 -3.46
N LEU A 145 3.70 -6.79 -4.75
CA LEU A 145 3.22 -7.71 -5.78
C LEU A 145 3.92 -9.06 -5.69
N VAL A 146 5.24 -9.07 -5.54
CA VAL A 146 5.92 -10.35 -5.39
C VAL A 146 5.46 -11.06 -4.14
N SER A 147 5.20 -10.31 -3.06
CA SER A 147 4.75 -10.95 -1.83
C SER A 147 3.38 -11.58 -2.02
N CYS A 148 2.51 -10.94 -2.77
CA CYS A 148 1.23 -11.53 -3.17
C CYS A 148 1.43 -12.89 -3.81
N ALA A 149 2.36 -12.97 -4.78
CA ALA A 149 2.66 -14.22 -5.48
C ALA A 149 3.23 -15.26 -4.53
N TYR A 150 4.15 -14.83 -3.66
CA TYR A 150 4.71 -15.71 -2.64
C TYR A 150 3.63 -16.32 -1.77
N GLN A 151 2.70 -15.49 -1.27
CA GLN A 151 1.65 -16.01 -0.40
C GLN A 151 0.76 -17.03 -1.10
N VAL A 152 0.42 -16.77 -2.37
CA VAL A 152 -0.37 -17.76 -3.12
C VAL A 152 0.41 -19.04 -3.30
N ALA A 153 1.70 -18.92 -3.65
CA ALA A 153 2.55 -20.10 -3.79
C ALA A 153 2.60 -20.90 -2.50
N ARG A 154 2.68 -20.19 -1.36
CA ARG A 154 2.74 -20.89 -0.08
C ARG A 154 1.43 -21.61 0.21
N GLY A 155 0.31 -20.98 -0.12
CA GLY A 155 -0.96 -21.67 0.03
C GLY A 155 -1.08 -22.91 -0.85
N MET A 156 -0.64 -22.79 -2.11
CA MET A 156 -0.65 -23.95 -3.01
C MET A 156 0.33 -25.02 -2.57
N GLU A 157 1.50 -24.61 -2.09
CA GLU A 157 2.44 -25.63 -1.60
C GLU A 157 1.80 -26.43 -0.46
N TYR A 158 1.07 -25.74 0.42
CA TYR A 158 0.39 -26.44 1.52
C TYR A 158 -0.70 -27.37 0.98
N LEU A 159 -1.58 -26.85 0.12
CA LEU A 159 -2.62 -27.68 -0.49
C LEU A 159 -2.03 -28.88 -1.21
N ALA A 160 -0.97 -28.68 -2.00
CA ALA A 160 -0.38 -29.82 -2.72
C ALA A 160 0.18 -30.84 -1.75
N SER A 161 0.74 -30.37 -0.61
CA SER A 161 1.26 -31.27 0.41
C SER A 161 0.16 -32.14 1.00
N LYS A 162 -1.09 -31.70 0.92
CA LYS A 162 -2.22 -32.48 1.39
C LYS A 162 -2.90 -33.22 0.26
N LYS A 163 -2.25 -33.29 -0.93
CA LYS A 163 -2.76 -33.99 -2.10
C LYS A 163 -4.04 -33.35 -2.66
N CYS A 164 -4.20 -32.05 -2.45
CA CYS A 164 -5.32 -31.33 -3.00
C CYS A 164 -4.86 -30.67 -4.30
N ILE A 165 -5.55 -30.99 -5.39
CA ILE A 165 -5.37 -30.28 -6.66
C ILE A 165 -6.51 -29.28 -6.80
N HIS A 166 -6.18 -28.01 -7.04
CA HIS A 166 -7.22 -26.99 -7.06
C HIS A 166 -8.11 -27.08 -8.29
N ARG A 167 -7.49 -27.17 -9.48
CA ARG A 167 -8.06 -27.25 -10.82
C ARG A 167 -8.62 -25.92 -11.32
N ASP A 168 -8.76 -24.89 -10.50
CA ASP A 168 -9.19 -23.60 -11.05
C ASP A 168 -8.46 -22.47 -10.33
N LEU A 169 -7.15 -22.57 -10.26
CA LEU A 169 -6.36 -21.55 -9.59
C LEU A 169 -6.29 -20.32 -10.48
N ALA A 170 -6.76 -19.19 -9.96
CA ALA A 170 -6.90 -17.97 -10.74
C ALA A 170 -7.07 -16.84 -9.73
N ALA A 171 -6.82 -15.61 -10.18
CA ALA A 171 -6.95 -14.49 -9.25
C ALA A 171 -8.36 -14.36 -8.71
N ARG A 172 -9.37 -14.71 -9.50
CA ARG A 172 -10.74 -14.61 -8.95
C ARG A 172 -11.01 -15.63 -7.84
N ASN A 173 -10.13 -16.62 -7.66
CA ASN A 173 -10.25 -17.60 -6.59
C ASN A 173 -9.21 -17.39 -5.49
N VAL A 174 -8.68 -16.18 -5.40
CA VAL A 174 -7.86 -15.79 -4.27
C VAL A 174 -8.56 -14.61 -3.62
N LEU A 175 -8.79 -14.69 -2.32
CA LEU A 175 -9.43 -13.60 -1.59
C LEU A 175 -8.39 -12.90 -0.73
N VAL A 176 -8.66 -11.63 -0.43
CA VAL A 176 -7.74 -10.78 0.31
C VAL A 176 -8.43 -10.29 1.58
N THR A 177 -7.78 -10.51 2.73
CA THR A 177 -8.35 -10.11 4.01
C THR A 177 -8.07 -8.64 4.30
N GLU A 178 -8.66 -8.18 5.41
CA GLU A 178 -8.46 -6.79 5.80
C GLU A 178 -6.99 -6.48 6.05
N ASP A 179 -6.20 -7.45 6.50
CA ASP A 179 -4.79 -7.28 6.73
C ASP A 179 -3.94 -7.67 5.52
N ASN A 180 -4.56 -7.72 4.34
CA ASN A 180 -3.88 -7.92 3.06
C ASN A 180 -3.25 -9.29 2.94
N VAL A 181 -3.80 -10.27 3.63
CA VAL A 181 -3.35 -11.65 3.50
C VAL A 181 -4.07 -12.31 2.32
N MET A 182 -3.31 -12.96 1.44
CA MET A 182 -3.87 -13.74 0.34
C MET A 182 -4.36 -15.08 0.84
N LYS A 183 -5.57 -15.46 0.44
CA LYS A 183 -6.12 -16.76 0.83
C LYS A 183 -6.73 -17.49 -0.37
N ILE A 184 -6.20 -18.67 -0.70
CA ILE A 184 -6.82 -19.46 -1.74
C ILE A 184 -8.22 -19.89 -1.34
N ALA A 185 -9.16 -19.75 -2.25
CA ALA A 185 -10.57 -20.10 -2.05
C ALA A 185 -10.97 -21.23 -2.99
N ASP A 186 -12.04 -21.95 -2.60
CA ASP A 186 -12.74 -22.91 -3.48
C ASP A 186 -11.85 -24.09 -3.86
N PHE A 187 -10.99 -24.50 -2.96
CA PHE A 187 -10.15 -25.69 -3.11
C PHE A 187 -10.83 -26.97 -2.61
N GLY A 188 -11.93 -26.88 -1.90
CA GLY A 188 -12.45 -28.10 -1.30
C GLY A 188 -13.46 -28.88 -2.13
N LEU A 189 -13.57 -28.53 -3.41
CA LEU A 189 -14.72 -28.90 -4.22
C LEU A 189 -14.48 -30.23 -4.93
N ALA A 190 -15.45 -31.13 -4.86
CA ALA A 190 -15.31 -32.40 -5.57
C ALA A 190 -15.37 -32.17 -7.09
N ARG A 191 -14.56 -32.93 -7.81
CA ARG A 191 -14.52 -32.78 -9.26
C ARG A 191 -15.80 -33.30 -9.90
N ASP A 192 -16.34 -32.54 -10.85
CA ASP A 192 -17.57 -32.95 -11.51
C ASP A 192 -17.33 -34.27 -12.25
N ILE A 193 -18.31 -35.16 -12.18
CA ILE A 193 -18.21 -36.46 -12.85
C ILE A 193 -18.63 -36.41 -14.31
N HIS A 194 -19.17 -35.28 -14.76
CA HIS A 194 -19.56 -35.06 -16.15
C HIS A 194 -18.48 -34.28 -16.89
N HIS A 195 -18.55 -34.36 -18.22
CA HIS A 195 -17.75 -33.48 -19.05
C HIS A 195 -18.30 -32.05 -18.95
N ILE A 196 -17.46 -31.07 -19.30
CA ILE A 196 -17.84 -29.68 -19.10
C ILE A 196 -17.69 -28.91 -20.40
N ASP A 197 -18.42 -27.80 -20.48
CA ASP A 197 -18.42 -26.93 -21.64
C ASP A 197 -17.22 -25.98 -21.59
N TYR A 198 -16.43 -25.98 -22.67
CA TYR A 198 -15.25 -25.13 -22.78
C TYR A 198 -15.56 -23.65 -22.95
N TYR A 199 -16.81 -23.29 -23.24
CA TYR A 199 -17.15 -21.91 -23.53
C TYR A 199 -18.02 -21.25 -22.47
N LYS A 200 -18.39 -21.98 -21.42
CA LYS A 200 -19.39 -21.52 -20.46
C LYS A 200 -18.72 -20.70 -19.35
N LYS A 201 -19.14 -19.45 -19.20
CA LYS A 201 -18.61 -18.57 -18.17
C LYS A 201 -19.19 -18.92 -16.79
N THR A 202 -18.56 -18.38 -15.75
CA THR A 202 -19.11 -18.43 -14.41
C THR A 202 -20.14 -17.29 -14.27
N THR A 203 -20.67 -17.09 -13.06
CA THR A 203 -21.64 -16.02 -12.85
C THR A 203 -21.01 -14.63 -12.93
N ASN A 204 -19.70 -14.51 -12.67
CA ASN A 204 -19.00 -13.26 -12.92
C ASN A 204 -18.48 -13.17 -14.35
N GLY A 205 -18.72 -14.19 -15.18
CA GLY A 205 -18.33 -14.14 -16.57
C GLY A 205 -16.91 -14.50 -16.86
N ARG A 206 -16.22 -15.17 -15.93
CA ARG A 206 -14.88 -15.65 -16.22
C ARG A 206 -14.95 -16.85 -17.16
N LEU A 207 -13.85 -17.11 -17.87
CA LEU A 207 -13.77 -18.15 -18.88
C LEU A 207 -12.65 -19.11 -18.47
N PRO A 208 -12.96 -20.08 -17.59
CA PRO A 208 -11.88 -20.84 -16.91
C PRO A 208 -10.93 -21.59 -17.82
N VAL A 209 -11.28 -21.81 -19.09
CA VAL A 209 -10.38 -22.50 -20.01
C VAL A 209 -9.05 -21.76 -20.18
N LYS A 210 -9.02 -20.45 -19.95
CA LYS A 210 -7.77 -19.72 -20.13
C LYS A 210 -6.76 -19.93 -18.99
N TRP A 211 -7.14 -20.61 -17.91
CA TRP A 211 -6.20 -20.96 -16.86
C TRP A 211 -5.78 -22.43 -16.92
N MET A 212 -6.28 -23.20 -17.88
CA MET A 212 -6.04 -24.65 -17.92
C MET A 212 -4.73 -25.00 -18.64
N ALA A 213 -3.93 -25.87 -18.03
CA ALA A 213 -2.79 -26.45 -18.73
C ALA A 213 -3.29 -27.20 -19.98
N PRO A 214 -2.42 -27.37 -20.96
CA PRO A 214 -2.86 -28.08 -22.18
C PRO A 214 -3.33 -29.50 -21.93
N GLU A 215 -2.69 -30.23 -21.02
CA GLU A 215 -3.14 -31.60 -20.76
C GLU A 215 -4.52 -31.62 -20.10
N ALA A 216 -4.86 -30.55 -19.37
CA ALA A 216 -6.21 -30.43 -18.83
C ALA A 216 -7.19 -30.06 -19.92
N LEU A 217 -6.77 -29.16 -20.81
CA LEU A 217 -7.59 -28.74 -21.95
C LEU A 217 -7.92 -29.91 -22.85
N PHE A 218 -6.91 -30.67 -23.24
CA PHE A 218 -7.08 -31.63 -24.30
C PHE A 218 -7.49 -33.00 -23.81
N ASP A 219 -7.08 -33.39 -22.59
CA ASP A 219 -7.34 -34.74 -22.11
C ASP A 219 -7.92 -34.78 -20.71
N ARG A 220 -8.22 -33.62 -20.13
CA ARG A 220 -8.86 -33.55 -18.83
C ARG A 220 -8.00 -34.19 -17.75
N ILE A 221 -6.68 -34.15 -17.93
CA ILE A 221 -5.76 -34.62 -16.90
C ILE A 221 -5.38 -33.45 -16.01
N TYR A 222 -5.72 -33.54 -14.73
CA TYR A 222 -5.35 -32.50 -13.75
C TYR A 222 -4.39 -33.08 -12.73
N THR A 223 -3.27 -32.41 -12.52
CA THR A 223 -2.27 -32.85 -11.55
C THR A 223 -1.81 -31.61 -10.80
N HIS A 224 -0.92 -31.79 -9.82
CA HIS A 224 -0.25 -30.63 -9.25
C HIS A 224 0.48 -29.83 -10.32
N GLN A 225 0.97 -30.51 -11.36
CA GLN A 225 1.68 -29.83 -12.44
C GLN A 225 0.76 -28.93 -13.24
N SER A 226 -0.52 -29.32 -13.42
CA SER A 226 -1.44 -28.43 -14.10
C SER A 226 -1.82 -27.24 -13.23
N ASP A 227 -1.87 -27.40 -11.90
CA ASP A 227 -2.04 -26.20 -11.04
C ASP A 227 -0.86 -25.25 -11.20
N VAL A 228 0.36 -25.78 -11.38
CA VAL A 228 1.52 -24.91 -11.56
C VAL A 228 1.38 -24.07 -12.83
N TRP A 229 0.85 -24.68 -13.90
CA TRP A 229 0.53 -23.90 -15.12
C TRP A 229 -0.42 -22.75 -14.80
N SER A 230 -1.50 -23.06 -14.08
CA SER A 230 -2.45 -22.02 -13.71
C SER A 230 -1.79 -20.95 -12.87
N PHE A 231 -0.90 -21.36 -11.97
CA PHE A 231 -0.17 -20.39 -11.18
C PHE A 231 0.62 -19.43 -12.07
N GLY A 232 1.18 -19.94 -13.16
CA GLY A 232 1.82 -19.05 -14.12
C GLY A 232 0.87 -18.01 -14.68
N VAL A 233 -0.36 -18.43 -15.02
CA VAL A 233 -1.35 -17.46 -15.48
C VAL A 233 -1.68 -16.48 -14.37
N LEU A 234 -1.80 -16.97 -13.12
CA LEU A 234 -2.06 -16.04 -12.02
C LEU A 234 -0.93 -15.03 -11.85
N LEU A 235 0.33 -15.47 -12.02
CA LEU A 235 1.45 -14.53 -11.92
C LEU A 235 1.31 -13.42 -12.97
N TRP A 236 0.92 -13.80 -14.17
CA TRP A 236 0.65 -12.82 -15.23
C TRP A 236 -0.47 -11.89 -14.80
N GLU A 237 -1.51 -12.41 -14.15
CA GLU A 237 -2.60 -11.58 -13.65
C GLU A 237 -2.10 -10.59 -12.60
N ILE A 238 -1.19 -11.03 -11.74
CA ILE A 238 -0.69 -10.13 -10.70
C ILE A 238 0.06 -8.98 -11.33
N PHE A 239 0.96 -9.27 -12.28
CA PHE A 239 1.80 -8.17 -12.77
C PHE A 239 1.14 -7.33 -13.86
N THR A 240 -0.03 -7.71 -14.37
CA THR A 240 -0.88 -6.79 -15.11
C THR A 240 -1.89 -6.08 -14.19
N LEU A 241 -1.74 -6.23 -12.87
CA LEU A 241 -2.69 -5.69 -11.88
C LEU A 241 -4.12 -6.05 -12.24
N GLY A 242 -4.36 -7.36 -12.45
CA GLY A 242 -5.70 -7.81 -12.72
C GLY A 242 -6.07 -7.86 -14.19
N GLY A 243 -5.11 -8.04 -15.08
CA GLY A 243 -5.40 -8.12 -16.50
C GLY A 243 -6.13 -9.38 -16.90
N SER A 244 -6.71 -9.34 -18.10
CA SER A 244 -7.48 -10.44 -18.68
C SER A 244 -6.57 -11.28 -19.57
N PRO A 245 -6.42 -12.58 -19.32
CA PRO A 245 -5.46 -13.36 -20.11
C PRO A 245 -5.88 -13.52 -21.56
N TYR A 246 -4.87 -13.67 -22.41
CA TYR A 246 -4.99 -13.86 -23.85
C TYR A 246 -5.97 -12.86 -24.48
N PRO A 247 -5.68 -11.56 -24.36
CA PRO A 247 -6.65 -10.56 -24.84
C PRO A 247 -6.94 -10.73 -26.32
N GLY A 248 -8.24 -10.76 -26.64
CA GLY A 248 -8.70 -10.87 -28.00
C GLY A 248 -8.60 -12.25 -28.62
N VAL A 249 -8.24 -13.28 -27.86
CA VAL A 249 -8.07 -14.62 -28.40
C VAL A 249 -9.35 -15.40 -28.10
N PRO A 250 -10.09 -15.83 -29.12
CA PRO A 250 -11.22 -16.74 -28.85
C PRO A 250 -10.73 -18.14 -28.49
N VAL A 251 -11.65 -18.92 -27.91
CA VAL A 251 -11.31 -20.24 -27.36
C VAL A 251 -10.64 -21.12 -28.43
N GLU A 252 -11.34 -21.33 -29.55
CA GLU A 252 -10.81 -22.23 -30.58
C GLU A 252 -9.43 -21.78 -31.05
N GLU A 253 -9.16 -20.48 -31.08
CA GLU A 253 -7.79 -20.01 -31.29
C GLU A 253 -6.87 -20.53 -30.19
N LEU A 254 -7.24 -20.28 -28.93
CA LEU A 254 -6.40 -20.64 -27.78
C LEU A 254 -5.89 -22.08 -27.89
N PHE A 255 -6.79 -23.02 -28.16
CA PHE A 255 -6.40 -24.42 -28.40
C PHE A 255 -5.27 -24.52 -29.43
N LYS A 256 -5.49 -23.91 -30.60
CA LYS A 256 -4.49 -23.87 -31.65
C LYS A 256 -3.17 -23.30 -31.14
N LEU A 257 -3.22 -22.10 -30.54
CA LEU A 257 -2.02 -21.35 -30.20
C LEU A 257 -1.14 -22.11 -29.22
N LEU A 258 -1.75 -22.67 -28.16
CA LEU A 258 -0.95 -23.35 -27.14
C LEU A 258 -0.23 -24.54 -27.75
N LYS A 259 -0.94 -25.35 -28.54
CA LYS A 259 -0.35 -26.47 -29.25
C LYS A 259 0.89 -26.01 -30.03
N GLU A 260 0.77 -24.93 -30.79
CA GLU A 260 1.87 -24.43 -31.60
C GLU A 260 2.89 -23.70 -30.73
N GLY A 261 2.66 -23.60 -29.43
CA GLY A 261 3.71 -23.25 -28.52
C GLY A 261 3.90 -21.78 -28.22
N HIS A 262 2.93 -20.94 -28.55
CA HIS A 262 3.15 -19.60 -28.04
C HIS A 262 2.51 -19.43 -26.67
N ARG A 263 2.85 -18.32 -26.07
CA ARG A 263 2.57 -18.01 -24.69
C ARG A 263 2.27 -16.53 -24.63
N MET A 264 1.55 -16.12 -23.59
CA MET A 264 1.31 -14.69 -23.44
C MET A 264 2.61 -13.91 -23.38
N ASP A 265 2.56 -12.70 -23.89
CA ASP A 265 3.70 -11.81 -23.85
C ASP A 265 3.91 -11.30 -22.43
N LYS A 266 5.12 -10.91 -22.11
CA LYS A 266 5.45 -10.38 -20.80
C LYS A 266 4.64 -9.12 -20.50
N PRO A 267 4.09 -8.98 -19.29
CA PRO A 267 3.49 -7.70 -18.88
C PRO A 267 4.48 -6.55 -18.99
N SER A 268 3.95 -5.36 -19.30
CA SER A 268 4.83 -4.20 -19.44
C SER A 268 5.72 -4.00 -18.21
N ASN A 269 5.16 -4.08 -17.03
CA ASN A 269 5.90 -3.86 -15.79
C ASN A 269 6.06 -5.24 -15.18
N CYS A 270 7.11 -5.95 -15.60
CA CYS A 270 7.41 -7.26 -15.04
C CYS A 270 8.88 -7.52 -15.31
N THR A 271 9.61 -8.02 -14.31
CA THR A 271 11.03 -8.26 -14.54
C THR A 271 11.22 -9.44 -15.48
N ASN A 272 12.41 -9.51 -16.10
CA ASN A 272 12.70 -10.67 -16.92
C ASN A 272 12.66 -11.95 -16.08
N GLU A 273 13.16 -11.88 -14.86
CA GLU A 273 13.23 -13.07 -14.01
C GLU A 273 11.84 -13.62 -13.70
N LEU A 274 10.89 -12.76 -13.39
CA LEU A 274 9.54 -13.22 -13.12
C LEU A 274 8.84 -13.67 -14.39
N TYR A 275 9.15 -13.06 -15.54
CA TYR A 275 8.60 -13.58 -16.77
C TYR A 275 9.14 -14.97 -17.05
N MET A 276 10.42 -15.20 -16.74
CA MET A 276 10.96 -16.53 -17.00
C MET A 276 10.33 -17.56 -16.08
N MET A 277 9.99 -17.15 -14.85
CA MET A 277 9.22 -18.04 -13.97
C MET A 277 7.84 -18.36 -14.54
N MET A 278 7.14 -17.35 -15.08
CA MET A 278 5.90 -17.61 -15.82
C MET A 278 6.09 -18.64 -16.92
N ARG A 279 7.11 -18.42 -17.75
CA ARG A 279 7.31 -19.30 -18.89
C ARG A 279 7.63 -20.71 -18.44
N ASP A 280 8.38 -20.86 -17.34
CA ASP A 280 8.70 -22.18 -16.81
C ASP A 280 7.43 -22.88 -16.31
N CYS A 281 6.52 -22.11 -15.67
CA CYS A 281 5.23 -22.68 -15.27
C CYS A 281 4.44 -23.14 -16.47
N TRP A 282 4.68 -22.52 -17.65
CA TRP A 282 3.97 -22.86 -18.87
C TRP A 282 4.80 -23.79 -19.78
N HIS A 283 5.71 -24.57 -19.20
CA HIS A 283 6.30 -25.63 -19.98
C HIS A 283 5.25 -26.54 -20.55
N ALA A 284 5.40 -26.87 -21.84
CA ALA A 284 4.46 -27.79 -22.47
C ALA A 284 4.43 -29.13 -21.76
N VAL A 285 5.59 -29.60 -21.29
CA VAL A 285 5.72 -30.93 -20.70
C VAL A 285 5.49 -30.81 -19.20
N PRO A 286 4.44 -31.42 -18.65
CA PRO A 286 4.16 -31.27 -17.20
C PRO A 286 5.35 -31.55 -16.31
N SER A 287 6.12 -32.59 -16.62
CA SER A 287 7.23 -32.95 -15.76
C SER A 287 8.31 -31.87 -15.67
N GLN A 288 8.33 -30.93 -16.62
CA GLN A 288 9.44 -29.99 -16.69
C GLN A 288 9.11 -28.66 -16.02
N ARG A 289 7.87 -28.51 -15.55
CA ARG A 289 7.50 -27.32 -14.78
C ARG A 289 8.13 -27.37 -13.38
N PRO A 290 8.37 -26.21 -12.76
CA PRO A 290 8.75 -26.18 -11.36
C PRO A 290 7.63 -26.73 -10.50
N THR A 291 8.01 -27.21 -9.32
CA THR A 291 7.04 -27.58 -8.29
C THR A 291 6.67 -26.35 -7.47
N PHE A 292 5.58 -26.47 -6.69
CA PHE A 292 5.27 -25.34 -5.79
C PHE A 292 6.36 -25.18 -4.72
N LYS A 293 7.00 -26.26 -4.30
CA LYS A 293 8.10 -26.12 -3.34
C LYS A 293 9.20 -25.22 -3.91
N GLN A 294 9.57 -25.42 -5.17
CA GLN A 294 10.61 -24.60 -5.80
C GLN A 294 10.14 -23.17 -5.96
N LEU A 295 8.89 -22.98 -6.40
CA LEU A 295 8.36 -21.62 -6.59
C LEU A 295 8.38 -20.84 -5.29
N VAL A 296 7.97 -21.47 -4.19
CA VAL A 296 8.01 -20.80 -2.90
C VAL A 296 9.43 -20.37 -2.57
N GLU A 297 10.39 -21.29 -2.72
CA GLU A 297 11.77 -20.93 -2.41
C GLU A 297 12.27 -19.78 -3.28
N ASP A 298 11.95 -19.81 -4.58
CA ASP A 298 12.42 -18.75 -5.47
C ASP A 298 11.72 -17.42 -5.19
N LEU A 299 10.41 -17.46 -4.94
CA LEU A 299 9.72 -16.22 -4.64
C LEU A 299 10.15 -15.65 -3.30
N ASP A 300 10.43 -16.51 -2.33
CA ASP A 300 10.99 -16.04 -1.07
C ASP A 300 12.24 -15.20 -1.32
N ARG A 301 13.14 -15.73 -2.15
CA ARG A 301 14.37 -15.01 -2.46
C ARG A 301 14.08 -13.72 -3.22
N ILE A 302 13.15 -13.76 -4.17
CA ILE A 302 12.88 -12.58 -4.99
C ILE A 302 12.23 -11.49 -4.15
N VAL A 303 11.33 -11.86 -3.24
CA VAL A 303 10.73 -10.87 -2.34
C VAL A 303 11.81 -10.10 -1.62
N ALA A 304 12.75 -10.83 -1.00
CA ALA A 304 13.77 -10.18 -0.18
C ALA A 304 14.63 -9.22 -0.99
N LEU A 305 14.81 -9.47 -2.28
CA LEU A 305 15.63 -8.63 -3.14
C LEU A 305 14.84 -7.55 -3.87
N THR A 306 13.53 -7.56 -3.77
CA THR A 306 12.71 -6.66 -4.56
C THR A 306 12.42 -5.38 -3.79
N SER A 307 12.56 -4.25 -4.48
CA SER A 307 12.42 -2.95 -3.85
C SER A 307 10.98 -2.67 -3.44
N ASN A 308 10.84 -2.17 -2.24
CA ASN A 308 9.65 -1.55 -1.68
C ASN A 308 9.54 -0.06 -2.05
N GLN A 309 10.52 0.48 -2.76
CA GLN A 309 10.56 1.93 -3.01
C GLN A 309 9.86 2.34 -4.28
N GLU A 310 9.61 1.41 -5.20
CA GLU A 310 8.82 1.69 -6.39
C GLU A 310 7.96 0.46 -6.72
N GLY B 1 -21.79 10.63 9.24
CA GLY B 1 -20.94 11.64 8.63
C GLY B 1 -19.52 11.15 8.56
N PRO B 2 -18.64 11.90 7.89
CA PRO B 2 -17.26 11.43 7.71
C PRO B 2 -16.49 11.26 9.01
N ALA B 3 -16.87 11.95 10.09
CA ALA B 3 -16.19 11.77 11.37
C ALA B 3 -16.87 10.76 12.29
N GLY B 4 -17.98 10.17 11.86
CA GLY B 4 -18.62 9.10 12.60
C GLY B 4 -19.00 9.56 13.99
N VAL B 5 -18.59 8.78 15.00
CA VAL B 5 -18.91 9.11 16.38
C VAL B 5 -18.25 10.41 16.84
N SER B 6 -17.14 10.79 16.21
CA SER B 6 -16.40 11.97 16.62
C SER B 6 -17.16 13.25 16.31
N GLU B 7 -18.25 13.18 15.54
CA GLU B 7 -19.14 14.34 15.43
C GLU B 7 -19.57 14.83 16.80
N TYR B 8 -19.74 13.93 17.76
CA TYR B 8 -20.14 14.29 19.12
C TYR B 8 -19.11 13.97 20.18
N GLU B 9 -18.29 12.94 20.00
CA GLU B 9 -17.34 12.57 21.04
C GLU B 9 -16.21 11.77 20.39
N LEU B 10 -14.99 12.31 20.47
CA LEU B 10 -13.86 11.58 19.88
C LEU B 10 -13.48 10.40 20.78
N PRO B 11 -13.01 9.31 20.18
CA PRO B 11 -12.53 8.19 20.99
C PRO B 11 -11.34 8.61 21.85
N GLU B 12 -11.20 7.95 22.99
CA GLU B 12 -10.12 8.22 23.93
C GLU B 12 -8.86 7.47 23.55
N ASP B 13 -7.71 8.07 23.83
CA ASP B 13 -6.42 7.41 23.70
C ASP B 13 -5.54 7.97 24.80
N PRO B 14 -5.60 7.37 25.99
CA PRO B 14 -4.87 7.95 27.12
C PRO B 14 -3.36 7.97 26.95
N ARG B 15 -2.80 7.18 26.03
CA ARG B 15 -1.36 7.26 25.78
C ARG B 15 -0.93 8.65 25.32
N TRP B 16 -1.81 9.35 24.60
CA TRP B 16 -1.46 10.61 23.99
C TRP B 16 -2.19 11.81 24.57
N GLU B 17 -3.09 11.61 25.52
CA GLU B 17 -3.98 12.70 25.91
C GLU B 17 -3.27 13.62 26.90
N LEU B 18 -3.32 14.93 26.64
CA LEU B 18 -2.83 15.96 27.55
C LEU B 18 -4.03 16.70 28.12
N PRO B 19 -4.13 16.82 29.45
CA PRO B 19 -5.17 17.67 30.03
C PRO B 19 -5.06 19.11 29.52
N ARG B 20 -6.21 19.72 29.22
CA ARG B 20 -6.20 21.08 28.68
C ARG B 20 -5.59 22.07 29.66
N ASP B 21 -5.71 21.83 30.95
CA ASP B 21 -5.13 22.73 31.94
C ASP B 21 -3.60 22.74 31.89
N ARG B 22 -2.96 21.77 31.23
CA ARG B 22 -1.51 21.78 31.10
C ARG B 22 -1.05 22.39 29.78
N LEU B 23 -1.94 23.09 29.09
CA LEU B 23 -1.64 23.73 27.80
C LEU B 23 -2.13 25.17 27.84
N VAL B 24 -1.23 26.09 27.52
CA VAL B 24 -1.55 27.52 27.44
C VAL B 24 -1.32 27.96 26.00
N LEU B 25 -2.39 28.34 25.31
CA LEU B 25 -2.27 28.75 23.90
C LEU B 25 -1.80 30.20 23.78
N GLY B 26 -0.97 30.44 22.79
CA GLY B 26 -0.60 31.80 22.47
C GLY B 26 -0.97 32.22 21.06
N LYS B 27 -0.05 32.90 20.43
CA LYS B 27 -0.26 33.55 19.15
C LYS B 27 -0.20 32.55 18.00
N PRO B 28 -1.00 32.75 16.96
CA PRO B 28 -0.87 31.92 15.77
C PRO B 28 0.50 32.05 15.14
N LEU B 29 0.96 30.96 14.52
CA LEU B 29 2.30 30.87 13.95
C LEU B 29 2.25 31.17 12.46
N GLY B 30 3.10 32.11 12.02
CA GLY B 30 3.22 32.41 10.60
C GLY B 30 1.92 32.91 9.99
N GLU B 31 1.69 32.52 8.73
CA GLU B 31 0.48 32.89 8.00
C GLU B 31 -0.40 31.68 7.71
N GLY B 32 -0.29 30.62 8.51
CA GLY B 32 -1.25 29.55 8.37
C GLY B 32 -1.06 28.57 7.23
N CYS B 33 0.13 28.51 6.62
CA CYS B 33 0.32 27.56 5.52
C CYS B 33 0.25 26.10 5.96
N PHE B 34 0.50 25.80 7.23
CA PHE B 34 0.35 24.44 7.73
C PHE B 34 -0.96 24.24 8.47
N GLY B 35 -1.89 25.18 8.34
CA GLY B 35 -3.18 25.07 8.99
C GLY B 35 -3.31 26.12 10.08
N GLN B 36 -4.35 25.95 10.89
CA GLN B 36 -4.51 26.86 12.01
C GLN B 36 -3.61 26.35 13.11
N VAL B 37 -2.39 26.86 13.16
CA VAL B 37 -1.38 26.40 14.12
C VAL B 37 -1.02 27.55 15.03
N VAL B 38 -1.03 27.30 16.32
CA VAL B 38 -0.70 28.31 17.29
C VAL B 38 0.43 27.91 18.20
N LEU B 39 1.22 28.87 18.64
CA LEU B 39 2.26 28.62 19.60
C LEU B 39 1.63 28.33 20.96
N ALA B 40 2.23 27.43 21.74
CA ALA B 40 1.70 27.19 23.08
C ALA B 40 2.82 26.75 23.99
N GLU B 41 2.53 26.77 25.29
CA GLU B 41 3.40 26.16 26.29
C GLU B 41 2.67 25.01 26.95
N ALA B 42 3.35 23.87 27.02
CA ALA B 42 2.79 22.65 27.57
C ALA B 42 3.68 22.18 28.71
N ILE B 43 3.04 21.70 29.78
CA ILE B 43 3.75 21.16 30.93
C ILE B 43 3.53 19.66 30.94
N GLY B 44 4.61 18.90 31.04
CA GLY B 44 4.47 17.49 31.33
C GLY B 44 4.07 16.66 30.12
N LEU B 45 4.73 16.89 28.99
CA LEU B 45 4.47 16.08 27.81
C LEU B 45 5.11 14.70 27.88
N ASP B 46 6.16 14.53 28.68
CA ASP B 46 6.90 13.29 28.77
C ASP B 46 6.75 12.70 30.16
N LYS B 47 6.59 11.37 30.22
CA LYS B 47 6.45 10.69 31.50
C LYS B 47 7.67 10.92 32.40
N ASP B 48 8.86 10.96 31.80
CA ASP B 48 10.09 11.05 32.59
C ASP B 48 10.32 12.44 33.15
N LYS B 49 9.60 13.45 32.66
CA LYS B 49 9.83 14.86 33.01
C LYS B 49 8.47 15.55 33.11
N PRO B 50 7.67 15.16 34.10
CA PRO B 50 6.28 15.65 34.18
C PRO B 50 6.18 17.10 34.56
N ASN B 51 7.27 17.75 35.00
CA ASN B 51 7.18 19.14 35.42
C ASN B 51 7.81 20.08 34.41
N ARG B 52 8.29 19.57 33.28
CA ARG B 52 8.97 20.43 32.32
C ARG B 52 7.98 21.16 31.43
N VAL B 53 8.21 22.47 31.26
CA VAL B 53 7.43 23.30 30.34
C VAL B 53 8.19 23.38 29.02
N THR B 54 7.48 23.16 27.93
CA THR B 54 8.07 23.12 26.60
C THR B 54 7.23 23.99 25.68
N LYS B 55 7.89 24.73 24.79
CA LYS B 55 7.21 25.42 23.71
C LYS B 55 6.82 24.42 22.63
N VAL B 56 5.58 24.48 22.17
CA VAL B 56 5.04 23.51 21.22
C VAL B 56 4.17 24.24 20.21
N ALA B 57 3.92 23.57 19.10
CA ALA B 57 2.98 24.08 18.11
C ALA B 57 1.71 23.24 18.20
N VAL B 58 0.56 23.91 18.11
CA VAL B 58 -0.73 23.24 18.30
C VAL B 58 -1.58 23.46 17.06
N LYS B 59 -1.93 22.38 16.38
CA LYS B 59 -2.82 22.46 15.24
C LYS B 59 -4.27 22.18 15.65
N MET B 60 -5.18 22.98 15.12
CA MET B 60 -6.58 22.81 15.44
C MET B 60 -7.40 23.16 14.22
N LEU B 61 -8.69 22.91 14.29
CA LEU B 61 -9.59 23.29 13.20
C LEU B 61 -9.88 24.78 13.23
N LYS B 62 -10.04 25.36 12.03
CA LYS B 62 -10.62 26.69 11.96
C LYS B 62 -12.09 26.64 12.37
N SER B 63 -12.61 27.80 12.82
CA SER B 63 -13.98 27.83 13.30
C SER B 63 -15.01 27.56 12.21
N ASP B 64 -14.64 27.64 10.93
CA ASP B 64 -15.57 27.32 9.85
C ASP B 64 -15.35 25.91 9.28
N ALA B 65 -14.62 25.07 10.00
CA ALA B 65 -14.36 23.71 9.55
C ALA B 65 -15.61 22.86 9.53
N THR B 66 -15.62 21.89 8.61
CA THR B 66 -16.67 20.93 8.41
C THR B 66 -16.32 19.62 9.10
N GLU B 67 -17.28 18.70 9.13
CA GLU B 67 -16.99 17.38 9.67
C GLU B 67 -15.93 16.67 8.85
N LYS B 68 -15.86 16.90 7.54
CA LYS B 68 -14.79 16.30 6.75
C LYS B 68 -13.43 16.83 7.18
N ASP B 69 -13.36 18.14 7.49
CA ASP B 69 -12.12 18.70 8.00
C ASP B 69 -11.72 18.02 9.32
N LEU B 70 -12.69 17.78 10.22
CA LEU B 70 -12.36 17.06 11.45
C LEU B 70 -11.84 15.66 11.17
N SER B 71 -12.48 14.93 10.25
CA SER B 71 -11.99 13.57 10.03
C SER B 71 -10.58 13.59 9.43
N ASP B 72 -10.28 14.59 8.58
CA ASP B 72 -8.92 14.73 8.07
C ASP B 72 -7.92 14.97 9.19
N LEU B 73 -8.25 15.84 10.14
CA LEU B 73 -7.30 16.13 11.22
C LEU B 73 -7.12 14.91 12.12
N ILE B 74 -8.21 14.20 12.41
CA ILE B 74 -8.11 12.96 13.17
C ILE B 74 -7.22 11.96 12.42
N SER B 75 -7.43 11.84 11.11
CA SER B 75 -6.63 10.92 10.32
C SER B 75 -5.16 11.26 10.37
N GLU B 76 -4.83 12.55 10.31
CA GLU B 76 -3.42 12.97 10.35
C GLU B 76 -2.83 12.69 11.72
N MET B 77 -3.59 12.96 12.79
CA MET B 77 -3.18 12.54 14.12
C MET B 77 -2.91 11.04 14.20
N GLU B 78 -3.86 10.22 13.73
CA GLU B 78 -3.67 8.77 13.78
C GLU B 78 -2.46 8.32 12.97
N MET B 79 -2.27 8.91 11.79
CA MET B 79 -1.06 8.69 11.00
C MET B 79 0.21 8.99 11.79
N MET B 80 0.25 10.13 12.49
CA MET B 80 1.48 10.49 13.19
C MET B 80 1.76 9.51 14.32
N LYS B 81 0.71 9.02 14.99
CA LYS B 81 0.89 7.97 16.00
C LYS B 81 1.59 6.76 15.41
N MET B 82 1.20 6.37 14.19
CA MET B 82 1.72 5.14 13.60
C MET B 82 3.14 5.31 13.07
N ILE B 83 3.49 6.49 12.57
CA ILE B 83 4.85 6.64 12.05
C ILE B 83 5.89 6.63 13.15
N GLY B 84 5.57 7.11 14.35
CA GLY B 84 6.57 7.10 15.41
C GLY B 84 7.54 8.24 15.27
N LYS B 85 8.54 8.25 16.15
CA LYS B 85 9.41 9.42 16.35
C LYS B 85 10.72 9.33 15.58
N HIS B 86 11.17 10.47 15.05
CA HIS B 86 12.49 10.58 14.44
C HIS B 86 12.97 12.03 14.57
N LYS B 87 14.27 12.20 14.78
CA LYS B 87 14.84 13.54 14.96
C LYS B 87 14.51 14.50 13.81
N ASN B 88 14.42 13.99 12.58
CA ASN B 88 14.33 14.86 11.41
C ASN B 88 12.93 14.91 10.79
N ILE B 89 11.88 14.65 11.59
CA ILE B 89 10.50 14.92 11.19
C ILE B 89 9.82 15.74 12.30
N ILE B 90 8.74 16.41 11.94
CA ILE B 90 7.91 17.07 12.96
C ILE B 90 7.17 15.98 13.72
N ASN B 91 7.42 15.86 15.03
CA ASN B 91 6.88 14.74 15.80
C ASN B 91 5.60 15.13 16.54
N LEU B 92 4.69 14.16 16.64
CA LEU B 92 3.52 14.30 17.49
C LEU B 92 3.95 14.16 18.95
N LEU B 93 3.49 15.11 19.79
CA LEU B 93 3.81 15.13 21.20
C LEU B 93 2.63 14.83 22.09
N GLY B 94 1.41 15.06 21.61
CA GLY B 94 0.24 14.80 22.42
C GLY B 94 -0.98 15.38 21.75
N ALA B 95 -2.11 15.26 22.45
CA ALA B 95 -3.36 15.73 21.86
C ALA B 95 -4.34 16.02 22.97
N CYS B 96 -5.23 16.95 22.69
CA CYS B 96 -6.40 17.20 23.53
C CYS B 96 -7.59 16.84 22.68
N THR B 97 -8.28 15.73 23.02
CA THR B 97 -9.37 15.23 22.18
C THR B 97 -10.74 15.22 22.82
N GLN B 98 -10.81 15.39 24.14
CA GLN B 98 -12.05 15.23 24.90
C GLN B 98 -12.58 16.58 25.34
N ASP B 99 -13.91 16.70 25.39
CA ASP B 99 -14.61 17.84 26.01
C ASP B 99 -14.06 19.16 25.52
N GLY B 100 -14.07 19.32 24.19
CA GLY B 100 -13.62 20.55 23.58
C GLY B 100 -12.94 20.29 22.25
N PRO B 101 -12.50 21.35 21.60
CA PRO B 101 -11.89 21.19 20.27
C PRO B 101 -10.66 20.30 20.28
N LEU B 102 -10.47 19.60 19.16
CA LEU B 102 -9.30 18.76 18.98
C LEU B 102 -8.05 19.63 18.81
N TYR B 103 -7.05 19.41 19.66
CA TYR B 103 -5.73 20.04 19.55
C TYR B 103 -4.70 18.96 19.26
N VAL B 104 -3.93 19.14 18.19
CA VAL B 104 -2.87 18.18 17.86
C VAL B 104 -1.54 18.89 18.11
N ILE B 105 -0.78 18.40 19.07
CA ILE B 105 0.37 19.08 19.62
C ILE B 105 1.62 18.49 19.00
N VAL B 106 2.42 19.32 18.33
CA VAL B 106 3.62 18.86 17.64
C VAL B 106 4.80 19.74 18.00
N GLU B 107 5.98 19.31 17.57
CA GLU B 107 7.20 20.05 17.86
C GLU B 107 7.19 21.43 17.24
N TYR B 108 7.72 22.40 17.96
CA TYR B 108 7.83 23.77 17.48
C TYR B 108 9.18 24.00 16.81
N ALA B 109 9.15 24.68 15.64
CA ALA B 109 10.35 25.00 14.87
C ALA B 109 10.44 26.51 14.76
N SER B 110 11.43 27.09 15.41
CA SER B 110 11.44 28.53 15.57
C SER B 110 12.11 29.28 14.43
N LYS B 111 12.81 28.59 13.52
CA LYS B 111 13.63 29.27 12.53
C LYS B 111 13.02 29.22 11.13
N GLY B 112 11.71 29.01 11.03
CA GLY B 112 11.02 29.10 9.77
C GLY B 112 11.23 27.86 8.92
N ASN B 113 10.83 27.95 7.66
CA ASN B 113 11.07 26.83 6.78
C ASN B 113 12.45 26.94 6.16
N LEU B 114 12.89 25.85 5.54
CA LEU B 114 14.26 25.77 5.07
C LEU B 114 14.52 26.81 3.98
N ARG B 115 13.52 27.12 3.16
CA ARG B 115 13.73 28.15 2.14
C ARG B 115 14.04 29.49 2.80
N GLU B 116 13.22 29.89 3.79
CA GLU B 116 13.46 31.14 4.50
C GLU B 116 14.79 31.13 5.22
N TYR B 117 15.10 30.01 5.88
CA TYR B 117 16.38 29.86 6.56
C TYR B 117 17.56 30.09 5.63
N LEU B 118 17.48 29.55 4.42
CA LEU B 118 18.61 29.67 3.49
C LEU B 118 18.69 31.07 2.91
N GLN B 119 17.54 31.63 2.54
CA GLN B 119 17.54 32.98 1.98
C GLN B 119 18.06 34.00 2.98
N ALA B 120 17.75 33.83 4.26
CA ALA B 120 18.24 34.76 5.28
C ALA B 120 19.75 34.72 5.45
N ARG B 121 20.40 33.66 5.00
CA ARG B 121 21.83 33.48 5.19
C ARG B 121 22.57 33.49 3.85
N ARG B 122 21.95 34.03 2.82
CA ARG B 122 22.65 34.18 1.56
C ARG B 122 23.74 35.23 1.68
N PRO B 123 24.88 35.04 1.04
CA PRO B 123 25.82 36.14 0.85
C PRO B 123 25.16 37.22 0.01
N PRO B 124 25.62 38.46 0.12
CA PRO B 124 24.98 39.53 -0.68
C PRO B 124 25.23 39.39 -2.17
N GLY B 125 26.21 38.59 -2.57
CA GLY B 125 26.46 38.36 -3.98
C GLY B 125 27.50 37.28 -4.15
N LEU B 126 27.56 36.73 -5.36
CA LEU B 126 28.47 35.63 -5.67
C LEU B 126 29.93 36.00 -5.53
N GLU B 127 30.26 37.28 -5.45
CA GLU B 127 31.62 37.73 -5.23
C GLU B 127 32.04 37.64 -3.77
N TYR B 128 31.09 37.47 -2.85
CA TYR B 128 31.38 37.33 -1.43
C TYR B 128 31.53 35.85 -1.10
N SER B 129 32.77 35.41 -0.86
CA SER B 129 33.04 34.05 -0.45
C SER B 129 32.79 33.88 1.06
N TYR B 130 32.77 32.62 1.51
CA TYR B 130 32.32 32.27 2.87
C TYR B 130 32.97 33.10 3.97
N ASN B 131 34.23 32.81 4.31
CA ASN B 131 34.93 33.51 5.40
C ASN B 131 34.12 33.60 6.70
N GLN B 139 25.61 33.08 7.98
CA GLN B 139 26.30 32.46 6.85
C GLN B 139 26.27 30.93 6.95
N LEU B 140 26.52 30.25 5.84
CA LEU B 140 26.43 28.79 5.79
C LEU B 140 27.65 28.23 5.08
N SER B 141 28.44 27.45 5.81
CA SER B 141 29.56 26.79 5.17
C SER B 141 29.08 25.67 4.25
N SER B 142 30.00 25.20 3.41
CA SER B 142 29.71 24.03 2.58
C SER B 142 29.25 22.86 3.43
N LYS B 143 29.92 22.63 4.56
CA LYS B 143 29.52 21.51 5.39
C LYS B 143 28.11 21.70 5.93
N ASP B 144 27.76 22.94 6.30
CA ASP B 144 26.39 23.21 6.76
C ASP B 144 25.37 22.83 5.71
N LEU B 145 25.62 23.18 4.45
CA LEU B 145 24.66 22.89 3.40
C LEU B 145 24.52 21.38 3.20
N VAL B 146 25.64 20.66 3.12
CA VAL B 146 25.54 19.21 2.96
C VAL B 146 24.88 18.60 4.17
N SER B 147 25.12 19.17 5.35
CA SER B 147 24.50 18.61 6.56
C SER B 147 22.98 18.77 6.52
N CYS B 148 22.51 19.94 6.05
CA CYS B 148 21.07 20.14 5.84
C CYS B 148 20.49 19.04 4.95
N ALA B 149 21.15 18.78 3.82
CA ALA B 149 20.65 17.79 2.88
C ALA B 149 20.64 16.41 3.52
N TYR B 150 21.70 16.09 4.27
CA TYR B 150 21.77 14.82 4.98
C TYR B 150 20.58 14.65 5.91
N GLN B 151 20.27 15.69 6.67
CA GLN B 151 19.19 15.56 7.65
C GLN B 151 17.84 15.36 6.98
N VAL B 152 17.58 16.11 5.91
CA VAL B 152 16.33 15.93 5.18
C VAL B 152 16.26 14.52 4.62
N ALA B 153 17.37 14.05 4.03
CA ALA B 153 17.37 12.67 3.51
C ALA B 153 17.12 11.66 4.63
N ARG B 154 17.70 11.87 5.80
CA ARG B 154 17.50 10.90 6.87
C ARG B 154 16.05 10.88 7.34
N GLY B 155 15.42 12.06 7.44
CA GLY B 155 14.00 12.09 7.72
C GLY B 155 13.16 11.39 6.67
N MET B 156 13.49 11.61 5.40
CA MET B 156 12.72 10.97 4.33
C MET B 156 12.93 9.46 4.31
N GLU B 157 14.15 9.01 4.61
CA GLU B 157 14.42 7.59 4.72
C GLU B 157 13.56 6.96 5.81
N TYR B 158 13.46 7.64 6.95
CA TYR B 158 12.59 7.15 8.03
C TYR B 158 11.13 7.09 7.57
N LEU B 159 10.61 8.21 7.05
CA LEU B 159 9.22 8.26 6.61
C LEU B 159 8.93 7.19 5.57
N ALA B 160 9.85 6.98 4.63
CA ALA B 160 9.66 5.96 3.61
C ALA B 160 9.55 4.58 4.22
N SER B 161 10.35 4.29 5.25
CA SER B 161 10.27 3.01 5.93
C SER B 161 8.96 2.84 6.67
N LYS B 162 8.22 3.92 6.87
CA LYS B 162 6.91 3.87 7.52
C LYS B 162 5.76 4.02 6.52
N LYS B 163 6.05 3.81 5.23
CA LYS B 163 5.06 3.85 4.15
C LYS B 163 4.50 5.25 3.88
N CYS B 164 5.27 6.28 4.19
CA CYS B 164 4.82 7.65 4.05
C CYS B 164 5.42 8.21 2.76
N ILE B 165 4.57 8.78 1.90
CA ILE B 165 4.99 9.44 0.67
C ILE B 165 4.58 10.91 0.82
N HIS B 166 5.49 11.82 0.53
CA HIS B 166 5.21 13.25 0.74
C HIS B 166 4.52 13.84 -0.47
N ARG B 167 3.43 14.57 -0.23
CA ARG B 167 2.71 15.19 -1.34
C ARG B 167 3.51 16.30 -2.00
N ASP B 168 4.51 16.86 -1.33
CA ASP B 168 5.17 18.08 -1.80
C ASP B 168 6.49 18.29 -1.08
N LEU B 169 7.43 17.39 -1.31
CA LEU B 169 8.74 17.52 -0.68
C LEU B 169 9.49 18.67 -1.35
N ALA B 170 9.76 19.71 -0.57
CA ALA B 170 10.39 20.93 -1.02
C ALA B 170 10.87 21.65 0.24
N ALA B 171 11.78 22.60 0.04
CA ALA B 171 12.33 23.31 1.20
C ALA B 171 11.23 24.03 2.00
N ARG B 172 10.14 24.40 1.33
CA ARG B 172 9.04 25.07 2.04
C ARG B 172 8.36 24.14 3.02
N ASN B 173 8.55 22.82 2.89
CA ASN B 173 7.96 21.86 3.82
C ASN B 173 8.99 21.19 4.72
N VAL B 174 10.13 21.84 4.91
CA VAL B 174 11.11 21.46 5.91
C VAL B 174 11.19 22.60 6.90
N LEU B 175 10.92 22.33 8.18
CA LEU B 175 11.04 23.35 9.19
C LEU B 175 12.36 23.20 9.92
N VAL B 176 12.87 24.31 10.46
CA VAL B 176 14.16 24.38 11.13
C VAL B 176 13.95 24.80 12.58
N THR B 177 14.49 24.01 13.53
CA THR B 177 14.31 24.33 14.94
C THR B 177 15.36 25.32 15.42
N GLU B 178 15.21 25.73 16.69
CA GLU B 178 16.21 26.57 17.37
C GLU B 178 17.62 26.02 17.25
N ASP B 179 17.76 24.70 17.38
CA ASP B 179 19.05 24.03 17.33
C ASP B 179 19.50 23.71 15.91
N ASN B 180 18.86 24.32 14.91
CA ASN B 180 19.19 24.10 13.49
C ASN B 180 18.98 22.66 13.06
N VAL B 181 18.03 21.95 13.66
CA VAL B 181 17.67 20.62 13.19
C VAL B 181 16.64 20.76 12.08
N MET B 182 16.87 20.09 10.95
CA MET B 182 15.89 20.01 9.87
C MET B 182 14.78 19.04 10.24
N LYS B 183 13.53 19.43 10.04
CA LYS B 183 12.40 18.54 10.32
C LYS B 183 11.42 18.55 9.15
N ILE B 184 11.19 17.38 8.54
CA ILE B 184 10.18 17.26 7.50
C ILE B 184 8.80 17.53 8.07
N ALA B 185 8.04 18.38 7.39
CA ALA B 185 6.71 18.77 7.85
C ALA B 185 5.64 18.39 6.82
N ASP B 186 4.43 18.17 7.31
CA ASP B 186 3.25 18.01 6.44
C ASP B 186 3.36 16.77 5.58
N PHE B 187 4.04 15.75 6.10
CA PHE B 187 4.13 14.45 5.46
C PHE B 187 2.81 13.70 5.67
N GLY B 188 2.64 12.56 4.98
CA GLY B 188 1.40 11.82 5.11
C GLY B 188 1.43 10.50 4.36
N LEU B 189 0.40 9.70 4.60
CA LEU B 189 0.34 8.39 3.96
C LEU B 189 0.06 8.53 2.46
N ALA B 190 0.45 7.49 1.72
CA ALA B 190 0.23 7.44 0.28
C ALA B 190 -1.27 7.35 -0.06
N HIS B 195 -6.04 15.03 -5.16
CA HIS B 195 -6.15 16.24 -5.97
C HIS B 195 -4.84 16.59 -6.67
N ILE B 196 -4.88 16.71 -8.00
CA ILE B 196 -3.70 17.03 -8.79
C ILE B 196 -3.38 18.51 -8.61
N ASP B 197 -4.14 19.38 -9.28
CA ASP B 197 -4.02 20.83 -9.15
C ASP B 197 -2.64 21.33 -9.59
N TYR B 198 -2.42 21.27 -10.89
CA TYR B 198 -1.15 21.65 -11.47
C TYR B 198 -0.89 23.13 -11.56
N TYR B 199 -1.90 23.95 -11.33
CA TYR B 199 -1.80 25.37 -11.57
C TYR B 199 -1.75 26.22 -10.32
N LYS B 200 -1.93 25.62 -9.15
CA LYS B 200 -1.95 26.39 -7.92
C LYS B 200 -0.51 26.82 -7.59
N LYS B 201 -0.35 28.09 -7.21
CA LYS B 201 0.95 28.62 -6.82
C LYS B 201 1.08 28.70 -5.30
N THR B 202 2.30 28.51 -4.82
CA THR B 202 2.56 28.69 -3.39
C THR B 202 2.35 30.15 -2.98
N THR B 203 2.37 30.35 -1.67
CA THR B 203 2.31 31.70 -1.08
C THR B 203 3.40 32.60 -1.65
N ASN B 204 4.58 32.03 -1.89
CA ASN B 204 5.73 32.76 -2.43
C ASN B 204 5.67 32.89 -3.95
N GLY B 205 4.64 32.35 -4.59
CA GLY B 205 4.40 32.55 -6.01
C GLY B 205 4.94 31.49 -6.94
N ARG B 206 5.39 30.36 -6.42
CA ARG B 206 6.04 29.33 -7.22
C ARG B 206 5.08 28.19 -7.55
N LEU B 207 5.46 27.41 -8.56
CA LEU B 207 4.64 26.30 -9.01
C LEU B 207 5.11 24.98 -8.40
N PRO B 208 4.34 24.36 -7.50
CA PRO B 208 4.77 23.06 -6.93
C PRO B 208 4.99 21.96 -7.95
N VAL B 209 4.38 22.03 -9.13
CA VAL B 209 4.64 21.00 -10.13
C VAL B 209 6.12 20.91 -10.46
N LYS B 210 6.86 22.00 -10.25
CA LYS B 210 8.30 22.00 -10.53
C LYS B 210 9.10 21.13 -9.56
N TRP B 211 8.46 20.56 -8.54
CA TRP B 211 9.12 19.60 -7.67
C TRP B 211 8.69 18.16 -7.95
N MET B 212 7.75 17.94 -8.89
CA MET B 212 7.20 16.61 -9.13
C MET B 212 7.96 15.78 -10.14
N ALA B 213 8.06 14.48 -9.88
CA ALA B 213 8.65 13.58 -10.84
C ALA B 213 7.76 13.46 -12.07
N PRO B 214 8.34 13.20 -13.24
CA PRO B 214 7.51 13.04 -14.45
C PRO B 214 6.44 11.97 -14.30
N GLU B 215 6.79 10.82 -13.72
CA GLU B 215 5.82 9.73 -13.65
C GLU B 215 4.66 10.08 -12.74
N ALA B 216 4.91 10.88 -11.70
CA ALA B 216 3.83 11.36 -10.85
C ALA B 216 3.06 12.47 -11.54
N LEU B 217 3.76 13.30 -12.26
CA LEU B 217 3.14 14.37 -12.99
C LEU B 217 2.31 13.89 -14.17
N PHE B 218 2.84 12.97 -14.95
CA PHE B 218 2.11 12.52 -16.14
C PHE B 218 1.11 11.42 -15.79
N ASP B 219 1.60 10.29 -15.27
CA ASP B 219 0.81 9.06 -15.20
C ASP B 219 0.37 8.70 -13.78
N ARG B 220 0.41 9.64 -12.84
CA ARG B 220 -0.17 9.44 -11.50
C ARG B 220 0.48 8.29 -10.74
N ILE B 221 1.76 8.04 -10.96
CA ILE B 221 2.50 6.97 -10.28
C ILE B 221 3.20 7.62 -9.09
N TYR B 222 2.80 7.25 -7.87
CA TYR B 222 3.36 7.86 -6.66
C TYR B 222 4.12 6.79 -5.89
N THR B 223 5.43 6.94 -5.83
CA THR B 223 6.27 5.99 -5.12
C THR B 223 7.19 6.78 -4.21
N HIS B 224 7.98 6.06 -3.44
CA HIS B 224 9.08 6.73 -2.76
C HIS B 224 10.07 7.27 -3.75
N GLN B 225 10.19 6.62 -4.92
CA GLN B 225 11.14 7.11 -5.93
C GLN B 225 10.68 8.42 -6.57
N SER B 226 9.39 8.73 -6.56
CA SER B 226 8.99 10.07 -6.96
C SER B 226 9.37 11.11 -5.92
N ASP B 227 9.39 10.73 -4.63
CA ASP B 227 9.90 11.68 -3.63
C ASP B 227 11.40 11.90 -3.80
N VAL B 228 12.13 10.89 -4.29
CA VAL B 228 13.56 11.06 -4.56
C VAL B 228 13.75 12.14 -5.63
N TRP B 229 12.91 12.16 -6.67
CA TRP B 229 12.99 13.27 -7.63
C TRP B 229 12.85 14.61 -6.93
N SER B 230 11.81 14.73 -6.11
CA SER B 230 11.57 16.01 -5.42
C SER B 230 12.76 16.37 -4.54
N PHE B 231 13.38 15.35 -3.92
CA PHE B 231 14.56 15.58 -3.10
C PHE B 231 15.68 16.17 -3.93
N GLY B 232 15.80 15.71 -5.17
CA GLY B 232 16.77 16.32 -6.09
C GLY B 232 16.52 17.80 -6.28
N VAL B 233 15.24 18.18 -6.43
CA VAL B 233 14.93 19.60 -6.55
C VAL B 233 15.23 20.32 -5.23
N LEU B 234 14.88 19.72 -4.08
CA LEU B 234 15.24 20.29 -2.78
C LEU B 234 16.75 20.49 -2.65
N LEU B 235 17.55 19.53 -3.13
CA LEU B 235 19.00 19.68 -3.07
C LEU B 235 19.46 20.89 -3.88
N TRP B 236 18.87 21.06 -5.06
CA TRP B 236 19.13 22.23 -5.87
C TRP B 236 18.75 23.50 -5.12
N GLU B 237 17.64 23.47 -4.37
CA GLU B 237 17.25 24.62 -3.57
C GLU B 237 18.29 24.93 -2.51
N ILE B 238 18.83 23.89 -1.86
CA ILE B 238 19.83 24.11 -0.81
C ILE B 238 21.06 24.77 -1.40
N PHE B 239 21.57 24.24 -2.51
CA PHE B 239 22.84 24.77 -2.99
C PHE B 239 22.70 26.04 -3.81
N THR B 240 21.48 26.49 -4.11
CA THR B 240 21.26 27.85 -4.60
C THR B 240 20.86 28.78 -3.46
N LEU B 241 20.85 28.28 -2.22
CA LEU B 241 20.48 29.08 -1.06
C LEU B 241 19.07 29.65 -1.24
N GLY B 242 18.15 28.78 -1.65
CA GLY B 242 16.76 29.17 -1.80
C GLY B 242 16.34 29.67 -3.17
N GLY B 243 17.02 29.25 -4.24
CA GLY B 243 16.64 29.67 -5.58
C GLY B 243 15.33 29.07 -6.06
N SER B 244 14.88 29.58 -7.21
CA SER B 244 13.60 29.21 -7.80
C SER B 244 13.82 28.32 -9.01
N PRO B 245 13.29 27.08 -8.99
CA PRO B 245 13.48 26.16 -10.11
C PRO B 245 12.73 26.59 -11.36
N TYR B 246 13.33 26.33 -12.51
CA TYR B 246 12.76 26.64 -13.83
C TYR B 246 12.13 28.03 -13.83
N PRO B 247 12.90 29.07 -13.53
CA PRO B 247 12.31 30.41 -13.38
C PRO B 247 11.71 30.88 -14.69
N GLY B 248 10.48 31.42 -14.60
CA GLY B 248 9.77 31.92 -15.76
C GLY B 248 9.10 30.87 -16.62
N VAL B 249 9.15 29.60 -16.23
CA VAL B 249 8.64 28.51 -17.05
C VAL B 249 7.22 28.22 -16.60
N PRO B 250 6.20 28.47 -17.41
CA PRO B 250 4.84 28.15 -17.00
C PRO B 250 4.57 26.67 -17.09
N VAL B 251 3.49 26.26 -16.43
CA VAL B 251 3.16 24.84 -16.27
C VAL B 251 3.20 24.15 -17.63
N GLU B 252 2.59 24.79 -18.63
CA GLU B 252 2.47 24.22 -19.97
C GLU B 252 3.85 23.89 -20.55
N GLU B 253 4.82 24.78 -20.39
CA GLU B 253 6.12 24.59 -21.00
C GLU B 253 7.02 23.66 -20.18
N LEU B 254 6.77 23.52 -18.87
CA LEU B 254 7.58 22.63 -18.06
C LEU B 254 7.43 21.18 -18.53
N PHE B 255 6.21 20.79 -18.89
CA PHE B 255 5.99 19.40 -19.29
C PHE B 255 6.80 19.07 -20.53
N LYS B 256 6.81 19.95 -21.52
CA LYS B 256 7.57 19.61 -22.71
C LYS B 256 9.07 19.74 -22.45
N LEU B 257 9.49 20.66 -21.58
CA LEU B 257 10.88 20.68 -21.12
C LEU B 257 11.29 19.34 -20.55
N LEU B 258 10.47 18.79 -19.64
CA LEU B 258 10.81 17.52 -19.02
C LEU B 258 10.77 16.38 -20.03
N LYS B 259 9.78 16.38 -20.93
CA LYS B 259 9.74 15.35 -21.98
C LYS B 259 11.00 15.42 -22.84
N GLU B 260 11.48 16.62 -23.13
CA GLU B 260 12.69 16.79 -23.93
C GLU B 260 13.94 16.34 -23.18
N GLY B 261 13.87 16.14 -21.87
CA GLY B 261 15.02 15.75 -21.08
C GLY B 261 15.80 16.88 -20.47
N HIS B 262 15.24 18.09 -20.45
CA HIS B 262 15.91 19.23 -19.84
C HIS B 262 16.06 19.04 -18.34
N ARG B 263 17.16 19.53 -17.79
CA ARG B 263 17.41 19.45 -16.35
C ARG B 263 18.02 20.76 -15.90
N MET B 264 17.87 21.08 -14.63
CA MET B 264 18.44 22.34 -14.17
C MET B 264 19.96 22.23 -14.09
N ASP B 265 20.62 23.40 -14.15
CA ASP B 265 22.07 23.51 -14.17
C ASP B 265 22.65 23.41 -12.77
N LYS B 266 23.96 23.15 -12.72
CA LYS B 266 24.67 23.00 -11.46
C LYS B 266 24.76 24.35 -10.75
N PRO B 267 24.27 24.48 -9.53
CA PRO B 267 24.33 25.77 -8.84
C PRO B 267 25.78 26.25 -8.68
N SER B 268 25.96 27.57 -8.60
CA SER B 268 27.28 28.12 -8.35
C SER B 268 27.85 27.56 -7.04
N ASN B 269 29.15 27.25 -7.06
CA ASN B 269 29.86 26.76 -5.88
C ASN B 269 29.31 25.43 -5.38
N CYS B 270 28.65 24.69 -6.27
CA CYS B 270 28.19 23.34 -5.96
C CYS B 270 29.18 22.33 -6.51
N THR B 271 29.50 21.32 -5.71
CA THR B 271 30.48 20.34 -6.16
C THR B 271 29.91 19.51 -7.32
N ASN B 272 30.83 19.01 -8.16
CA ASN B 272 30.43 18.04 -9.18
C ASN B 272 29.74 16.83 -8.55
N GLU B 273 30.21 16.39 -7.39
CA GLU B 273 29.66 15.19 -6.78
C GLU B 273 28.19 15.38 -6.42
N LEU B 274 27.87 16.51 -5.79
CA LEU B 274 26.49 16.79 -5.43
C LEU B 274 25.61 17.07 -6.63
N TYR B 275 26.15 17.69 -7.71
CA TYR B 275 25.32 17.80 -8.89
C TYR B 275 25.03 16.44 -9.51
N MET B 276 26.03 15.55 -9.49
CA MET B 276 25.81 14.17 -9.95
C MET B 276 24.68 13.52 -9.17
N MET B 277 24.61 13.80 -7.88
CA MET B 277 23.52 13.27 -7.04
C MET B 277 22.17 13.88 -7.39
N MET B 278 22.10 15.21 -7.56
CA MET B 278 20.89 15.80 -8.16
C MET B 278 20.51 15.13 -9.47
N ARG B 279 21.46 15.02 -10.41
CA ARG B 279 21.12 14.43 -11.69
C ARG B 279 20.67 12.98 -11.55
N ASP B 280 21.28 12.24 -10.61
CA ASP B 280 20.84 10.85 -10.36
C ASP B 280 19.42 10.81 -9.83
N CYS B 281 19.06 11.72 -8.91
CA CYS B 281 17.67 11.83 -8.46
C CYS B 281 16.72 12.16 -9.61
N TRP B 282 17.20 12.85 -10.65
CA TRP B 282 16.34 13.26 -11.76
C TRP B 282 16.42 12.29 -12.94
N HIS B 283 16.85 11.05 -12.69
CA HIS B 283 16.77 10.03 -13.72
C HIS B 283 15.31 9.87 -14.17
N ALA B 284 15.09 9.78 -15.49
CA ALA B 284 13.72 9.75 -15.97
C ALA B 284 12.98 8.50 -15.49
N VAL B 285 13.68 7.38 -15.35
CA VAL B 285 13.06 6.12 -14.95
C VAL B 285 13.26 5.90 -13.45
N PRO B 286 12.20 5.72 -12.69
CA PRO B 286 12.33 5.74 -11.22
C PRO B 286 13.29 4.70 -10.68
N SER B 287 13.35 3.51 -11.28
CA SER B 287 14.16 2.44 -10.74
C SER B 287 15.66 2.73 -10.79
N GLN B 288 16.09 3.69 -11.60
CA GLN B 288 17.51 4.01 -11.65
C GLN B 288 17.89 5.18 -10.75
N ARG B 289 16.92 5.83 -10.14
CA ARG B 289 17.22 6.83 -9.14
C ARG B 289 17.78 6.15 -7.88
N PRO B 290 18.59 6.85 -7.09
CA PRO B 290 18.95 6.32 -5.79
C PRO B 290 17.72 6.18 -4.91
N THR B 291 17.82 5.32 -3.92
CA THR B 291 16.80 5.32 -2.89
C THR B 291 17.21 6.28 -1.79
N PHE B 292 16.28 6.55 -0.87
CA PHE B 292 16.66 7.38 0.25
C PHE B 292 17.71 6.70 1.11
N LYS B 293 17.68 5.37 1.21
CA LYS B 293 18.72 4.68 1.94
C LYS B 293 20.10 4.96 1.33
N GLN B 294 20.21 4.90 -0.01
CA GLN B 294 21.51 5.14 -0.62
C GLN B 294 21.89 6.62 -0.48
N LEU B 295 20.89 7.51 -0.58
CA LEU B 295 21.18 8.94 -0.45
C LEU B 295 21.76 9.25 0.92
N VAL B 296 21.20 8.66 1.98
CA VAL B 296 21.70 8.92 3.32
C VAL B 296 23.13 8.42 3.46
N GLU B 297 23.41 7.23 2.93
CA GLU B 297 24.76 6.66 2.97
C GLU B 297 25.75 7.56 2.25
N ASP B 298 25.40 7.98 1.03
CA ASP B 298 26.28 8.89 0.29
C ASP B 298 26.45 10.23 1.01
N LEU B 299 25.36 10.82 1.49
CA LEU B 299 25.48 12.12 2.15
C LEU B 299 26.22 12.00 3.49
N ASP B 300 26.04 10.90 4.22
CA ASP B 300 26.83 10.70 5.43
C ASP B 300 28.31 10.82 5.12
N ARG B 301 28.75 10.17 4.04
CA ARG B 301 30.16 10.23 3.68
C ARG B 301 30.55 11.65 3.28
N ILE B 302 29.78 12.27 2.40
CA ILE B 302 30.12 13.61 1.93
C ILE B 302 30.16 14.61 3.08
N VAL B 303 29.23 14.51 4.03
CA VAL B 303 29.29 15.43 5.18
C VAL B 303 30.61 15.29 5.90
N ALA B 304 31.03 14.05 6.16
CA ALA B 304 32.29 13.83 6.85
C ALA B 304 33.47 14.42 6.08
N LEU B 305 33.43 14.36 4.75
CA LEU B 305 34.54 14.76 3.90
C LEU B 305 34.49 16.21 3.48
N THR B 306 33.47 16.96 3.89
CA THR B 306 33.31 18.35 3.47
C THR B 306 33.84 19.29 4.53
N SER B 307 34.59 20.31 4.10
CA SER B 307 35.24 21.23 5.03
C SER B 307 34.26 22.24 5.62
N ASN B 308 34.38 22.46 6.92
CA ASN B 308 33.57 23.46 7.61
C ASN B 308 34.12 24.87 7.43
N GLN B 309 35.26 25.03 6.75
CA GLN B 309 35.85 26.33 6.50
C GLN B 309 35.71 26.78 5.05
N GLU B 310 34.92 26.07 4.26
CA GLU B 310 34.76 26.39 2.85
C GLU B 310 33.29 26.64 2.49
#